data_5YB2
#
_entry.id   5YB2
#
_cell.length_a   110.884
_cell.length_b   110.884
_cell.length_c   125.382
_cell.angle_alpha   90.00
_cell.angle_beta   90.00
_cell.angle_gamma   120.00
#
_symmetry.space_group_name_H-M   'H 3'
#
loop_
_entity.id
_entity.type
_entity.pdbx_description
1 polymer 'Envelope glycoprotein'
2 polymer 'Envelope glycoprotein'
3 polymer LP-11
#
loop_
_entity_poly.entity_id
_entity_poly.type
_entity_poly.pdbx_seq_one_letter_code
_entity_poly.pdbx_strand_id
1 'polypeptide(L)' TVQARQLLSGIVQQQNNLLRAIEAQQHLLQLTVWGIKQLQARILELTWEEWEKKIEEYTKKIEEILK E,D,B,A,M
2 'polypeptide(L)' TVQARQLLSGIVQQQNNLLRAIEAQQHLLQLTVWGIKQLQARIL F,C
3 'polypeptide(L)' ELTWEEWEKKIEEYTKKIEEILK H,G,I,K,J,L,P
#
# COMPACT_ATOMS: atom_id res chain seq x y z
N SER A 9 10.18 24.54 20.54
CA SER A 9 9.97 25.27 21.83
C SER A 9 8.80 26.32 21.87
N GLY A 10 8.46 26.79 20.63
CA GLY A 10 8.33 28.19 20.28
C GLY A 10 8.39 28.39 18.76
N ILE A 11 7.83 29.51 18.27
CA ILE A 11 7.43 29.57 16.85
C ILE A 11 8.62 29.63 15.88
N VAL A 12 9.76 30.21 16.28
CA VAL A 12 10.98 30.13 15.45
C VAL A 12 11.37 28.66 15.19
N GLN A 13 11.26 27.82 16.18
CA GLN A 13 11.65 26.42 16.06
C GLN A 13 10.60 25.56 15.37
N GLN A 14 9.33 25.69 15.73
CA GLN A 14 8.31 25.02 14.90
C GLN A 14 8.31 25.49 13.42
N GLN A 15 8.83 26.70 13.14
CA GLN A 15 8.88 27.16 11.75
C GLN A 15 10.09 26.62 11.02
N ASN A 16 11.25 26.58 11.68
CA ASN A 16 12.37 25.87 11.08
C ASN A 16 12.02 24.42 10.75
N ASN A 17 11.36 23.72 11.68
CA ASN A 17 10.93 22.36 11.42
C ASN A 17 9.99 22.28 10.22
N LEU A 18 9.02 23.21 10.12
CA LEU A 18 8.08 23.20 8.99
C LEU A 18 8.81 23.38 7.66
N LEU A 19 9.84 24.24 7.66
CA LEU A 19 10.63 24.44 6.46
C LEU A 19 11.36 23.15 6.06
N ARG A 20 11.96 22.46 7.04
CA ARG A 20 12.69 21.24 6.73
C ARG A 20 11.74 20.13 6.26
N ALA A 21 10.52 20.12 6.80
CA ALA A 21 9.53 19.17 6.31
C ALA A 21 9.24 19.40 4.82
N ILE A 22 8.88 20.63 4.45
CA ILE A 22 8.57 20.93 3.05
C ILE A 22 9.74 20.65 2.13
N GLU A 23 10.97 20.93 2.60
CA GLU A 23 12.18 20.54 1.88
C GLU A 23 12.16 19.03 1.54
N ALA A 24 12.06 18.17 2.62
CA ALA A 24 12.07 16.71 2.43
C ALA A 24 10.92 16.26 1.52
N GLN A 25 9.73 16.82 1.74
CA GLN A 25 8.55 16.55 0.91
C GLN A 25 8.79 16.90 -0.55
N GLN A 26 9.49 18.00 -0.82
CA GLN A 26 9.90 18.29 -2.18
C GLN A 26 10.80 17.19 -2.73
N HIS A 27 11.62 16.57 -1.89
CA HIS A 27 12.37 15.44 -2.41
C HIS A 27 11.47 14.25 -2.73
N LEU A 28 10.54 13.90 -1.83
CA LEU A 28 9.59 12.83 -2.15
C LEU A 28 8.87 13.11 -3.46
N LEU A 29 8.41 14.34 -3.67
CA LEU A 29 7.77 14.70 -4.92
C LEU A 29 8.70 14.46 -6.11
N GLN A 30 9.96 14.92 -6.03
CA GLN A 30 10.92 14.64 -7.11
C GLN A 30 10.97 13.15 -7.42
N LEU A 31 10.81 12.31 -6.36
CA LEU A 31 10.92 10.87 -6.57
C LEU A 31 9.66 10.30 -7.22
N THR A 32 8.48 10.74 -6.79
CA THR A 32 7.28 10.23 -7.43
C THR A 32 7.21 10.68 -8.88
N VAL A 33 7.59 11.92 -9.17
CA VAL A 33 7.73 12.37 -10.56
C VAL A 33 8.68 11.49 -11.33
N TRP A 34 9.83 11.15 -10.73
CA TRP A 34 10.78 10.27 -11.42
C TRP A 34 10.15 8.92 -11.77
N GLY A 35 9.53 8.26 -10.80
CA GLY A 35 8.92 6.97 -11.08
C GLY A 35 7.85 7.03 -12.15
N ILE A 36 6.96 8.04 -12.06
CA ILE A 36 6.00 8.28 -13.12
C ILE A 36 6.70 8.35 -14.47
N LYS A 37 7.82 9.10 -14.53
CA LYS A 37 8.51 9.23 -15.80
C LYS A 37 9.01 7.89 -16.32
N GLN A 38 9.56 7.04 -15.45
CA GLN A 38 9.99 5.70 -15.85
C GLN A 38 8.85 4.89 -16.43
N LEU A 39 7.83 4.66 -15.59
CA LEU A 39 6.62 3.97 -16.04
C LEU A 39 6.19 4.46 -17.40
N GLN A 40 5.92 5.77 -17.51
CA GLN A 40 5.38 6.33 -18.75
C GLN A 40 6.32 6.12 -19.92
N ALA A 41 7.63 6.12 -19.68
CA ALA A 41 8.53 5.91 -20.80
C ALA A 41 8.58 4.44 -21.20
N ARG A 42 8.02 3.54 -20.37
CA ARG A 42 7.89 2.12 -20.69
C ARG A 42 6.46 1.66 -21.00
N ILE A 43 5.51 2.61 -21.06
CA ILE A 43 4.26 2.44 -21.78
C ILE A 43 4.08 3.43 -22.94
N LEU A 44 4.82 4.57 -23.00
CA LEU A 44 4.61 5.64 -24.02
C LEU A 44 5.95 6.30 -24.51
N SER B 9 -5.82 33.38 11.08
CA SER B 9 -5.63 34.76 11.59
C SER B 9 -4.36 34.92 12.48
N GLY B 10 -4.42 34.48 13.76
CA GLY B 10 -3.27 34.57 14.64
C GLY B 10 -2.24 33.52 14.29
N ILE B 11 -0.96 33.81 14.59
CA ILE B 11 0.17 33.12 13.98
C ILE B 11 0.24 31.68 14.47
N VAL B 12 -0.33 31.42 15.61
CA VAL B 12 -0.24 30.07 16.05
C VAL B 12 -1.30 29.20 15.40
N GLN B 13 -2.54 29.68 15.41
CA GLN B 13 -3.62 29.00 14.71
C GLN B 13 -3.23 28.69 13.29
N GLN B 14 -2.72 29.70 12.59
CA GLN B 14 -2.23 29.51 11.23
C GLN B 14 -1.05 28.55 11.18
N GLN B 15 -0.28 28.45 12.27
CA GLN B 15 0.85 27.52 12.25
C GLN B 15 0.38 26.08 12.35
N ASN B 16 -0.58 25.83 13.25
CA ASN B 16 -1.28 24.55 13.27
C ASN B 16 -1.79 24.18 11.90
N ASN B 17 -2.73 25.00 11.38
CA ASN B 17 -3.23 24.87 10.01
C ASN B 17 -2.13 24.42 9.04
N LEU B 18 -0.98 25.11 9.03
CA LEU B 18 0.05 24.70 8.08
C LEU B 18 0.62 23.33 8.42
N LEU B 19 0.67 22.99 9.70
CA LEU B 19 1.07 21.64 10.06
C LEU B 19 0.08 20.59 9.51
N ARG B 20 -1.24 20.78 9.74
CA ARG B 20 -2.23 19.82 9.26
C ARG B 20 -2.22 19.68 7.75
N ALA B 21 -2.08 20.78 7.00
CA ALA B 21 -1.98 20.59 5.56
C ALA B 21 -0.70 19.87 5.14
N ILE B 22 0.38 19.94 5.96
CA ILE B 22 1.62 19.23 5.62
C ILE B 22 1.53 17.72 5.89
N GLU B 23 0.91 17.31 7.01
CA GLU B 23 0.68 15.87 7.27
C GLU B 23 -0.31 15.27 6.27
N ALA B 24 -1.34 16.03 5.90
CA ALA B 24 -2.25 15.60 4.83
C ALA B 24 -1.50 15.45 3.52
N GLN B 25 -0.62 16.39 3.21
CA GLN B 25 0.18 16.24 2.01
C GLN B 25 1.13 15.05 2.10
N GLN B 26 1.56 14.66 3.30
CA GLN B 26 2.37 13.46 3.36
C GLN B 26 1.55 12.20 3.08
N HIS B 27 0.28 12.18 3.49
CA HIS B 27 -0.57 11.03 3.14
C HIS B 27 -0.86 10.96 1.65
N LEU B 28 -1.02 12.11 0.98
CA LEU B 28 -1.08 12.12 -0.49
C LEU B 28 0.19 11.56 -1.14
N LEU B 29 1.36 12.01 -0.65
CA LEU B 29 2.65 11.46 -1.10
C LEU B 29 2.72 9.96 -0.88
N GLN B 30 2.37 9.52 0.30
CA GLN B 30 2.27 8.10 0.54
C GLN B 30 1.42 7.41 -0.53
N LEU B 31 0.18 7.89 -0.73
CA LEU B 31 -0.76 7.24 -1.65
C LEU B 31 -0.17 7.15 -3.06
N THR B 32 0.54 8.21 -3.50
CA THR B 32 1.18 8.17 -4.83
C THR B 32 2.37 7.22 -4.87
N VAL B 33 3.20 7.15 -3.83
CA VAL B 33 4.23 6.12 -3.88
C VAL B 33 3.57 4.74 -3.98
N TRP B 34 2.39 4.55 -3.35
CA TRP B 34 1.70 3.25 -3.45
C TRP B 34 1.30 2.93 -4.89
N GLY B 35 0.62 3.87 -5.57
CA GLY B 35 0.21 3.61 -6.95
C GLY B 35 1.38 3.35 -7.87
N ILE B 36 2.42 4.16 -7.75
CA ILE B 36 3.65 3.87 -8.48
C ILE B 36 4.08 2.43 -8.21
N LYS B 37 4.19 2.02 -6.95
CA LYS B 37 4.69 0.66 -6.71
C LYS B 37 3.79 -0.35 -7.37
N GLN B 38 2.53 0.01 -7.54
CA GLN B 38 1.57 -0.92 -8.09
C GLN B 38 1.77 -1.05 -9.57
N LEU B 39 1.89 0.08 -10.25
CA LEU B 39 2.11 -0.02 -11.68
C LEU B 39 3.50 -0.52 -11.98
N GLN B 40 4.44 -0.27 -11.08
CA GLN B 40 5.76 -0.86 -11.18
C GLN B 40 5.60 -2.35 -11.16
N ALA B 41 4.58 -2.82 -10.46
CA ALA B 41 4.43 -4.24 -10.26
C ALA B 41 3.79 -4.90 -11.45
N ARG B 42 2.73 -4.32 -11.94
CA ARG B 42 2.19 -4.75 -13.22
C ARG B 42 3.26 -4.90 -14.29
N ILE B 43 3.87 -3.75 -14.65
CA ILE B 43 4.80 -3.66 -15.78
C ILE B 43 5.90 -4.71 -15.64
N LEU B 44 6.82 -4.49 -14.68
CA LEU B 44 8.23 -5.02 -14.61
C LEU B 44 8.24 -6.03 -13.50
N GLY C 10 10.72 37.87 9.28
CA GLY C 10 9.78 37.86 10.38
C GLY C 10 8.63 36.87 10.14
N ILE C 11 7.98 36.42 11.23
CA ILE C 11 7.22 35.17 11.16
C ILE C 11 5.93 35.29 10.32
N VAL C 12 5.29 36.47 10.25
CA VAL C 12 4.17 36.66 9.33
C VAL C 12 4.60 36.39 7.88
N GLN C 13 5.81 36.86 7.48
CA GLN C 13 6.35 36.71 6.14
C GLN C 13 6.77 35.27 5.85
N GLN C 14 7.49 34.62 6.80
CA GLN C 14 7.90 33.23 6.64
C GLN C 14 6.68 32.35 6.57
N GLN C 15 5.60 32.77 7.19
CA GLN C 15 4.41 31.94 7.20
C GLN C 15 3.61 32.10 5.92
N ASN C 16 3.48 33.32 5.42
CA ASN C 16 2.89 33.48 4.09
C ASN C 16 3.64 32.66 3.04
N ASN C 17 4.97 32.72 3.07
CA ASN C 17 5.77 31.92 2.14
C ASN C 17 5.50 30.43 2.30
N LEU C 18 5.42 29.94 3.56
CA LEU C 18 5.15 28.51 3.78
C LEU C 18 3.80 28.10 3.22
N LEU C 19 2.81 28.98 3.34
CA LEU C 19 1.50 28.71 2.77
C LEU C 19 1.56 28.60 1.25
N ARG C 20 2.28 29.53 0.60
CA ARG C 20 2.37 29.49 -0.85
C ARG C 20 3.16 28.28 -1.33
N ALA C 21 4.14 27.84 -0.55
CA ALA C 21 4.85 26.61 -0.89
C ALA C 21 3.88 25.42 -0.90
N ILE C 22 3.14 25.22 0.20
CA ILE C 22 2.20 24.08 0.27
C ILE C 22 1.15 24.15 -0.82
N GLU C 23 0.74 25.37 -1.21
CA GLU C 23 -0.15 25.48 -2.35
C GLU C 23 0.50 24.92 -3.61
N ALA C 24 1.65 25.43 -3.97
CA ALA C 24 2.32 24.96 -5.17
C ALA C 24 2.55 23.45 -5.13
N GLN C 25 2.99 22.94 -3.98
CA GLN C 25 3.20 21.51 -3.76
C GLN C 25 1.91 20.71 -3.96
N GLN C 26 0.78 21.25 -3.52
CA GLN C 26 -0.50 20.64 -3.84
C GLN C 26 -0.72 20.58 -5.35
N HIS C 27 -0.24 21.57 -6.10
CA HIS C 27 -0.36 21.45 -7.54
C HIS C 27 0.55 20.33 -8.07
N LEU C 28 1.80 20.25 -7.63
CA LEU C 28 2.67 19.14 -8.04
C LEU C 28 2.01 17.80 -7.75
N LEU C 29 1.44 17.64 -6.56
CA LEU C 29 0.74 16.41 -6.23
C LEU C 29 -0.39 16.13 -7.22
N GLN C 30 -1.22 17.16 -7.48
CA GLN C 30 -2.27 17.01 -8.46
C GLN C 30 -1.69 16.42 -9.73
N LEU C 31 -0.47 16.85 -10.15
CA LEU C 31 0.13 16.43 -11.42
C LEU C 31 0.66 15.00 -11.34
N THR C 32 1.30 14.63 -10.24
CA THR C 32 1.77 13.25 -10.16
C THR C 32 0.59 12.28 -10.11
N VAL C 33 -0.47 12.63 -9.38
CA VAL C 33 -1.71 11.85 -9.43
C VAL C 33 -2.23 11.72 -10.86
N TRP C 34 -2.22 12.83 -11.60
CA TRP C 34 -2.69 12.77 -13.00
C TRP C 34 -1.86 11.77 -13.82
N GLY C 35 -0.53 11.88 -13.78
CA GLY C 35 0.30 10.97 -14.54
C GLY C 35 0.09 9.52 -14.17
N ILE C 36 0.06 9.24 -12.86
CA ILE C 36 -0.28 7.90 -12.40
C ILE C 36 -1.58 7.44 -13.04
N LYS C 37 -2.59 8.31 -13.07
CA LYS C 37 -3.87 7.91 -13.65
C LYS C 37 -3.74 7.54 -15.12
N GLN C 38 -2.97 8.32 -15.89
CA GLN C 38 -2.73 8.01 -17.30
C GLN C 38 -2.08 6.64 -17.47
N LEU C 39 -0.88 6.51 -16.90
CA LEU C 39 -0.19 5.22 -16.90
C LEU C 39 -1.13 4.09 -16.60
N GLN C 40 -1.78 4.15 -15.43
CA GLN C 40 -2.64 3.04 -14.99
C GLN C 40 -3.77 2.78 -15.95
N ALA C 41 -4.29 3.82 -16.60
CA ALA C 41 -5.37 3.58 -17.53
C ALA C 41 -4.87 2.98 -18.84
N ARG C 42 -3.53 3.00 -19.05
CA ARG C 42 -2.90 2.33 -20.21
C ARG C 42 -2.13 1.05 -19.87
N ILE C 43 -2.20 0.62 -18.60
CA ILE C 43 -1.94 -0.77 -18.22
C ILE C 43 -3.16 -1.48 -17.61
N LEU C 44 -4.21 -0.75 -17.12
CA LEU C 44 -5.36 -1.36 -16.38
C LEU C 44 -6.72 -0.67 -16.71
N GLU D 1 -6.82 17.73 -22.68
CA GLU D 1 -5.99 16.84 -21.89
C GLU D 1 -4.54 17.30 -21.85
N LEU D 2 -3.90 17.13 -20.78
CA LEU D 2 -2.48 17.43 -20.80
C LEU D 2 -1.74 16.57 -21.80
N THR D 3 -0.59 17.08 -22.23
CA THR D 3 0.43 16.25 -22.84
C THR D 3 1.54 16.04 -21.78
N TRP D 4 2.29 14.90 -22.03
CA TRP D 4 3.41 14.56 -21.14
C TRP D 4 4.51 15.60 -21.18
N GLU D 5 4.71 16.27 -22.32
CA GLU D 5 5.64 17.39 -22.33
C GLU D 5 5.15 18.48 -21.39
N GLU D 6 3.89 18.89 -21.54
CA GLU D 6 3.37 19.99 -20.72
C GLU D 6 3.30 19.66 -19.18
N TRP D 7 3.03 18.37 -18.92
CA TRP D 7 3.20 17.87 -17.57
C TRP D 7 4.62 18.09 -17.09
N GLU D 8 5.59 17.61 -17.84
CA GLU D 8 6.97 17.83 -17.43
C GLU D 8 7.26 19.30 -17.22
N LYS D 9 6.79 20.19 -18.10
CA LYS D 9 7.07 21.61 -17.95
C LYS D 9 6.42 22.16 -16.67
N LYS D 10 5.22 21.66 -16.32
CA LYS D 10 4.56 22.14 -15.11
C LYS D 10 5.26 21.63 -13.87
N ILE D 11 5.68 20.36 -13.87
CA ILE D 11 6.49 19.86 -12.77
C ILE D 11 7.73 20.71 -12.62
N GLU D 12 8.39 21.06 -13.73
CA GLU D 12 9.62 21.81 -13.63
C GLU D 12 9.38 23.20 -13.07
N GLU D 13 8.27 23.80 -13.45
CA GLU D 13 7.89 25.13 -13.03
C GLU D 13 7.64 25.15 -11.53
N TYR D 14 6.77 24.26 -11.07
CA TYR D 14 6.45 24.27 -9.66
C TYR D 14 7.66 23.87 -8.82
N THR D 15 8.51 22.97 -9.33
CA THR D 15 9.73 22.62 -8.59
C THR D 15 10.64 23.82 -8.42
N LYS D 16 10.86 24.63 -9.45
CA LYS D 16 11.70 25.80 -9.22
C LYS D 16 10.98 26.87 -8.38
N LYS D 17 9.63 26.86 -8.41
CA LYS D 17 8.88 27.82 -7.60
C LYS D 17 9.05 27.54 -6.11
N ILE D 18 8.71 26.31 -5.69
CA ILE D 18 9.04 25.86 -4.34
C ILE D 18 10.51 26.07 -4.04
N GLU D 19 11.38 25.69 -4.99
CA GLU D 19 12.82 25.71 -4.72
C GLU D 19 13.31 27.13 -4.50
N GLU D 20 12.63 28.13 -5.04
CA GLU D 20 12.99 29.51 -4.73
C GLU D 20 12.29 30.08 -3.51
N ILE D 21 11.13 29.55 -3.13
CA ILE D 21 10.52 29.89 -1.85
C ILE D 21 11.28 29.27 -0.68
N LEU D 22 12.01 28.18 -0.94
CA LEU D 22 12.75 27.48 0.10
C LEU D 22 14.13 28.06 0.40
N LYS D 23 14.66 28.92 -0.49
CA LYS D 23 15.75 29.92 -0.17
C LYS D 23 15.24 31.16 0.64
N GLU E 1 20.26 8.87 -13.16
CA GLU E 1 19.58 7.67 -12.99
C GLU E 1 19.66 7.07 -11.59
N LEU E 2 19.23 5.81 -11.62
CA LEU E 2 18.79 5.08 -10.45
C LEU E 2 18.45 3.65 -10.79
N THR E 3 18.49 2.81 -9.76
CA THR E 3 17.79 1.53 -9.77
C THR E 3 16.46 1.73 -9.08
N TRP E 4 15.57 0.74 -9.22
CA TRP E 4 14.31 0.72 -8.48
C TRP E 4 14.52 0.36 -7.01
N GLU E 5 15.53 -0.46 -6.70
CA GLU E 5 15.86 -0.68 -5.29
C GLU E 5 16.28 0.63 -4.66
N GLU E 6 17.23 1.34 -5.26
CA GLU E 6 17.74 2.57 -4.67
C GLU E 6 16.65 3.63 -4.57
N TRP E 7 15.79 3.72 -5.56
CA TRP E 7 14.58 4.55 -5.46
C TRP E 7 13.79 4.18 -4.22
N GLU E 8 13.44 2.91 -4.07
CA GLU E 8 12.72 2.51 -2.87
C GLU E 8 13.47 2.93 -1.61
N LYS E 9 14.79 2.84 -1.65
CA LYS E 9 15.67 3.15 -0.53
C LYS E 9 15.47 4.62 -0.16
N LYS E 10 15.48 5.44 -1.17
CA LYS E 10 15.41 6.88 -1.00
C LYS E 10 14.03 7.31 -0.55
N ILE E 11 12.99 6.74 -1.13
CA ILE E 11 11.65 6.99 -0.65
C ILE E 11 11.55 6.65 0.82
N GLU E 12 12.11 5.51 1.22
CA GLU E 12 11.99 5.11 2.62
C GLU E 12 12.72 6.07 3.54
N GLU E 13 13.89 6.62 3.12
CA GLU E 13 14.68 7.54 3.99
C GLU E 13 14.07 8.95 4.05
N TYR E 14 13.50 9.38 2.97
CA TYR E 14 12.85 10.67 3.11
C TYR E 14 11.54 10.54 3.88
N THR E 15 10.82 9.41 3.73
CA THR E 15 9.59 9.21 4.50
C THR E 15 9.88 9.16 5.99
N LYS E 16 10.92 8.43 6.44
CA LYS E 16 11.19 8.48 7.87
C LYS E 16 11.73 9.87 8.28
N LYS E 17 12.40 10.58 7.37
CA LYS E 17 12.93 11.89 7.72
C LYS E 17 11.80 12.89 8.01
N ILE E 18 10.90 13.07 7.05
CA ILE E 18 9.66 13.81 7.29
C ILE E 18 8.95 13.28 8.52
N GLU E 19 8.83 11.95 8.62
CA GLU E 19 8.03 11.36 9.69
C GLU E 19 8.62 11.64 11.05
N GLU E 20 9.93 11.80 11.13
CA GLU E 20 10.54 12.27 12.35
C GLU E 20 10.19 13.75 12.57
N ILE E 21 10.49 14.61 11.56
CA ILE E 21 10.26 16.04 11.69
C ILE E 21 8.82 16.36 12.07
N LEU E 22 7.89 15.45 11.76
CA LEU E 22 6.48 15.65 12.05
C LEU E 22 6.13 14.98 13.37
N LYS E 23 7.01 14.13 13.91
CA LYS E 23 6.73 13.40 15.11
C LYS E 23 5.49 12.53 14.95
N GLU F 1 -3.37 -2.17 2.24
CA GLU F 1 -3.78 -2.84 1.01
C GLU F 1 -5.08 -2.42 0.32
N LEU F 2 -5.05 -2.09 -1.04
CA LEU F 2 -5.98 -1.13 -1.56
C LEU F 2 -6.57 -1.59 -2.88
N THR F 3 -7.74 -1.05 -3.21
CA THR F 3 -8.24 -1.03 -4.57
C THR F 3 -7.90 0.33 -5.10
N TRP F 4 -7.99 0.43 -6.50
CA TRP F 4 -7.82 1.71 -7.20
C TRP F 4 -9.00 2.64 -6.96
N GLU F 5 -10.21 2.10 -6.79
CA GLU F 5 -11.33 2.94 -6.39
C GLU F 5 -11.04 3.58 -5.03
N GLU F 6 -10.68 2.76 -4.04
CA GLU F 6 -10.46 3.30 -2.69
C GLU F 6 -9.32 4.29 -2.64
N TRP F 7 -8.24 4.00 -3.42
CA TRP F 7 -7.18 4.98 -3.63
C TRP F 7 -7.75 6.29 -4.12
N GLU F 8 -8.49 6.25 -5.21
CA GLU F 8 -9.10 7.48 -5.70
C GLU F 8 -9.92 8.17 -4.62
N LYS F 9 -10.70 7.39 -3.80
CA LYS F 9 -11.52 8.03 -2.74
C LYS F 9 -10.64 8.69 -1.70
N LYS F 10 -9.49 8.09 -1.41
CA LYS F 10 -8.61 8.66 -0.40
C LYS F 10 -7.91 9.89 -0.92
N ILE F 11 -7.46 9.85 -2.16
CA ILE F 11 -6.92 11.06 -2.79
C ILE F 11 -7.94 12.17 -2.75
N GLU F 12 -9.19 11.86 -3.07
CA GLU F 12 -10.21 12.90 -3.11
C GLU F 12 -10.46 13.50 -1.73
N GLU F 13 -10.44 12.63 -0.67
CA GLU F 13 -10.66 13.05 0.72
C GLU F 13 -9.55 13.93 1.25
N TYR F 14 -8.33 13.52 0.98
CA TYR F 14 -7.25 14.36 1.48
C TYR F 14 -7.14 15.65 0.68
N THR F 15 -7.44 15.61 -0.63
CA THR F 15 -7.42 16.84 -1.42
C THR F 15 -8.45 17.84 -0.92
N LYS F 16 -9.73 17.36 -0.66
CA LYS F 16 -10.70 18.28 -0.04
C LYS F 16 -10.25 18.75 1.32
N LYS F 17 -9.53 17.92 2.10
CA LYS F 17 -9.12 18.26 3.46
C LYS F 17 -8.09 19.39 3.46
N ILE F 18 -6.98 19.19 2.75
CA ILE F 18 -6.03 20.27 2.49
C ILE F 18 -6.75 21.48 1.92
N GLU F 19 -7.63 21.27 0.93
CA GLU F 19 -8.24 22.38 0.22
C GLU F 19 -9.13 23.20 1.14
N GLU F 20 -9.75 22.55 2.19
CA GLU F 20 -10.44 23.31 3.25
C GLU F 20 -9.46 24.07 4.08
N ILE F 21 -8.38 23.38 4.59
CA ILE F 21 -7.40 24.01 5.48
C ILE F 21 -6.71 25.18 4.81
N LEU F 22 -6.68 25.22 3.48
CA LEU F 22 -6.02 26.28 2.73
C LEU F 22 -7.04 27.40 2.31
N LYS F 23 -8.36 27.29 2.52
CA LYS F 23 -9.32 28.33 2.10
C LYS F 23 -9.82 29.10 3.32
N SER G 9 14.07 -3.98 23.10
CA SER G 9 15.43 -4.14 23.71
C SER G 9 16.26 -5.51 23.55
N GLY G 10 15.49 -6.61 23.60
CA GLY G 10 15.65 -7.81 24.41
C GLY G 10 14.37 -8.64 24.47
N ILE G 11 14.50 -9.94 24.76
CA ILE G 11 13.45 -10.89 24.39
C ILE G 11 12.15 -10.74 25.22
N VAL G 12 12.25 -10.30 26.48
CA VAL G 12 11.03 -9.97 27.25
C VAL G 12 10.21 -8.89 26.52
N GLN G 13 10.87 -7.89 26.00
CA GLN G 13 10.15 -6.86 25.26
C GLN G 13 9.60 -7.41 23.95
N GLN G 14 10.46 -7.96 23.08
CA GLN G 14 10.03 -8.52 21.81
C GLN G 14 8.83 -9.42 22.02
N GLN G 15 8.79 -9.98 23.16
CA GLN G 15 7.71 -10.94 23.39
C GLN G 15 6.44 -10.25 23.85
N ASN G 16 6.55 -9.25 24.72
CA ASN G 16 5.38 -8.44 25.03
C ASN G 16 4.78 -7.83 23.77
N ASN G 17 5.63 -7.27 22.89
CA ASN G 17 5.15 -6.72 21.63
C ASN G 17 4.44 -7.78 20.78
N LEU G 18 5.01 -9.00 20.69
CA LEU G 18 4.39 -10.06 19.90
C LEU G 18 3.01 -10.43 20.44
N LEU G 19 2.88 -10.43 21.78
CA LEU G 19 1.58 -10.70 22.38
C LEU G 19 0.57 -9.62 22.02
N ARG G 20 0.97 -8.35 22.08
CA ARG G 20 0.04 -7.27 21.76
C ARG G 20 -0.34 -7.28 20.28
N ALA G 21 0.60 -7.69 19.42
CA ALA G 21 0.26 -7.85 18.01
C ALA G 21 -0.85 -8.88 17.83
N ILE G 22 -0.66 -10.10 18.37
CA ILE G 22 -1.67 -11.15 18.21
C ILE G 22 -3.00 -10.76 18.82
N GLU G 23 -2.97 -9.88 19.83
CA GLU G 23 -4.20 -9.40 20.42
C GLU G 23 -4.95 -8.53 19.41
N ALA G 24 -4.24 -7.54 18.87
CA ALA G 24 -4.86 -6.65 17.89
C ALA G 24 -5.34 -7.43 16.67
N GLN G 25 -4.52 -8.38 16.19
CA GLN G 25 -4.87 -9.25 15.07
C GLN G 25 -6.12 -10.07 15.35
N GLN G 26 -6.28 -10.54 16.59
CA GLN G 26 -7.54 -11.18 16.97
C GLN G 26 -8.71 -10.19 16.84
N HIS G 27 -8.48 -8.91 17.10
CA HIS G 27 -9.57 -7.97 16.84
C HIS G 27 -9.87 -7.85 15.35
N LEU G 28 -8.83 -7.70 14.51
CA LEU G 28 -9.08 -7.67 13.06
C LEU G 28 -9.86 -8.88 12.60
N LEU G 29 -9.48 -10.08 13.07
CA LEU G 29 -10.22 -11.28 12.75
C LEU G 29 -11.68 -11.17 13.16
N GLN G 30 -11.92 -10.67 14.38
CA GLN G 30 -13.28 -10.46 14.84
C GLN G 30 -14.05 -9.60 13.85
N LEU G 31 -13.38 -8.67 13.25
CA LEU G 31 -14.05 -7.74 12.33
C LEU G 31 -14.30 -8.37 10.97
N THR G 32 -13.33 -9.13 10.44
CA THR G 32 -13.59 -9.76 9.16
C THR G 32 -14.69 -10.81 9.28
N VAL G 33 -14.70 -11.57 10.38
CA VAL G 33 -15.82 -12.48 10.66
C VAL G 33 -17.13 -11.72 10.70
N TRP G 34 -17.15 -10.56 11.37
CA TRP G 34 -18.39 -9.77 11.42
C TRP G 34 -18.88 -9.38 10.01
N GLY G 35 -17.98 -8.82 9.19
CA GLY G 35 -18.40 -8.42 7.85
C GLY G 35 -18.90 -9.60 7.02
N ILE G 36 -18.17 -10.72 7.05
CA ILE G 36 -18.65 -11.93 6.41
C ILE G 36 -20.06 -12.24 6.87
N LYS G 37 -20.31 -12.14 8.18
CA LYS G 37 -21.66 -12.47 8.68
C LYS G 37 -22.72 -11.54 8.09
N GLN G 38 -22.42 -10.24 8.00
CA GLN G 38 -23.35 -9.29 7.38
C GLN G 38 -23.66 -9.67 5.94
N LEU G 39 -22.62 -9.68 5.10
CA LEU G 39 -22.76 -10.10 3.72
C LEU G 39 -23.63 -11.34 3.61
N GLN G 40 -23.21 -12.41 4.29
CA GLN G 40 -23.91 -13.69 4.17
C GLN G 40 -25.35 -13.60 4.61
N ALA G 41 -25.65 -12.76 5.60
CA ALA G 41 -27.03 -12.65 6.02
C ALA G 41 -27.85 -11.83 5.03
N ARG G 42 -27.20 -11.13 4.09
CA ARG G 42 -27.87 -10.41 3.00
C ARG G 42 -27.72 -11.05 1.62
N ILE G 43 -27.11 -12.25 1.56
CA ILE G 43 -27.30 -13.18 0.46
C ILE G 43 -27.95 -14.51 0.90
N LEU G 44 -27.93 -14.89 2.21
CA LEU G 44 -28.41 -16.23 2.68
C LEU G 44 -29.14 -16.16 4.07
N SER H 9 14.95 -23.97 17.32
CA SER H 9 15.56 -24.62 18.48
C SER H 9 15.85 -23.65 19.67
N GLY H 10 16.62 -22.58 19.42
CA GLY H 10 16.90 -21.61 20.47
C GLY H 10 16.02 -20.36 20.34
N ILE H 11 15.82 -19.63 21.45
CA ILE H 11 14.66 -18.74 21.54
C ILE H 11 14.78 -17.50 20.64
N VAL H 12 16.00 -17.00 20.35
CA VAL H 12 16.16 -15.93 19.36
C VAL H 12 15.62 -16.37 18.00
N GLN H 13 15.97 -17.59 17.62
CA GLN H 13 15.58 -18.28 16.40
C GLN H 13 14.05 -18.37 16.31
N GLN H 14 13.48 -19.13 17.21
CA GLN H 14 12.04 -19.33 17.26
C GLN H 14 11.28 -18.03 17.31
N GLN H 15 11.85 -16.97 17.93
CA GLN H 15 11.16 -15.69 18.02
C GLN H 15 11.20 -14.94 16.69
N ASN H 16 12.33 -14.97 15.99
CA ASN H 16 12.34 -14.44 14.64
C ASN H 16 11.28 -15.12 13.77
N ASN H 17 11.20 -16.46 13.84
CA ASN H 17 10.18 -17.18 13.09
C ASN H 17 8.77 -16.73 13.47
N LEU H 18 8.50 -16.56 14.78
CA LEU H 18 7.17 -16.12 15.21
C LEU H 18 6.82 -14.75 14.65
N LEU H 19 7.81 -13.86 14.60
CA LEU H 19 7.59 -12.55 14.02
C LEU H 19 7.24 -12.64 12.54
N ARG H 20 7.97 -13.48 11.79
CA ARG H 20 7.69 -13.61 10.36
C ARG H 20 6.33 -14.26 10.12
N ALA H 21 5.93 -15.17 11.00
CA ALA H 21 4.58 -15.74 10.89
C ALA H 21 3.52 -14.64 11.02
N ILE H 22 3.58 -13.85 12.10
CA ILE H 22 2.57 -12.79 12.31
C ILE H 22 2.59 -11.78 11.18
N GLU H 23 3.72 -11.49 10.52
CA GLU H 23 3.66 -10.57 9.39
C GLU H 23 3.02 -11.21 8.14
N ALA H 24 3.28 -12.52 7.90
CA ALA H 24 2.55 -13.16 6.80
C ALA H 24 1.05 -13.21 7.09
N GLN H 25 0.69 -13.56 8.33
CA GLN H 25 -0.69 -13.59 8.78
C GLN H 25 -1.38 -12.24 8.65
N GLN H 26 -0.65 -11.16 8.95
CA GLN H 26 -1.17 -9.83 8.67
C GLN H 26 -1.44 -9.64 7.19
N HIS H 27 -0.65 -10.25 6.31
CA HIS H 27 -0.99 -10.16 4.90
C HIS H 27 -2.27 -10.94 4.60
N LEU H 28 -2.40 -12.17 5.10
CA LEU H 28 -3.65 -12.91 4.91
C LEU H 28 -4.85 -12.10 5.37
N LEU H 29 -4.76 -11.49 6.55
CA LEU H 29 -5.83 -10.63 7.03
C LEU H 29 -6.14 -9.51 6.05
N GLN H 30 -5.12 -8.81 5.54
CA GLN H 30 -5.38 -7.76 4.56
C GLN H 30 -6.18 -8.34 3.41
N LEU H 31 -5.90 -9.60 3.04
CA LEU H 31 -6.59 -10.18 1.89
C LEU H 31 -8.04 -10.53 2.20
N THR H 32 -8.29 -11.09 3.38
CA THR H 32 -9.68 -11.40 3.71
C THR H 32 -10.49 -10.13 3.85
N VAL H 33 -9.92 -9.08 4.46
CA VAL H 33 -10.56 -7.77 4.48
C VAL H 33 -10.85 -7.28 3.07
N TRP H 34 -9.88 -7.44 2.16
CA TRP H 34 -10.13 -7.00 0.78
C TRP H 34 -11.32 -7.73 0.15
N GLY H 35 -11.35 -9.06 0.24
CA GLY H 35 -12.46 -9.81 -0.33
C GLY H 35 -13.80 -9.42 0.26
N ILE H 36 -13.86 -9.32 1.59
CA ILE H 36 -15.06 -8.82 2.24
C ILE H 36 -15.48 -7.50 1.62
N LYS H 37 -14.52 -6.60 1.41
CA LYS H 37 -14.87 -5.29 0.84
C LYS H 37 -15.48 -5.42 -0.55
N GLN H 38 -14.92 -6.29 -1.40
CA GLN H 38 -15.48 -6.54 -2.72
C GLN H 38 -16.92 -7.03 -2.64
N LEU H 39 -17.10 -8.19 -2.01
CA LEU H 39 -18.43 -8.74 -1.78
C LEU H 39 -19.39 -7.65 -1.34
N GLN H 40 -19.07 -6.98 -0.23
CA GLN H 40 -19.99 -5.99 0.35
C GLN H 40 -20.27 -4.86 -0.62
N ALA H 41 -19.30 -4.49 -1.45
CA ALA H 41 -19.57 -3.41 -2.38
C ALA H 41 -20.43 -3.88 -3.55
N ARG H 42 -20.60 -5.20 -3.71
CA ARG H 42 -21.50 -5.79 -4.70
C ARG H 42 -22.79 -6.40 -4.14
N ILE H 43 -23.00 -6.25 -2.83
CA ILE H 43 -24.33 -6.34 -2.22
C ILE H 43 -24.79 -5.02 -1.57
N LEU H 44 -23.89 -4.05 -1.24
CA LEU H 44 -24.25 -2.82 -0.47
C LEU H 44 -23.47 -1.55 -0.96
N GLY I 10 8.07 -17.86 32.17
CA GLY I 10 9.40 -17.95 31.58
C GLY I 10 9.34 -18.13 30.06
N ILE I 11 10.41 -17.76 29.35
CA ILE I 11 10.27 -17.46 27.92
C ILE I 11 10.03 -18.72 27.05
N VAL I 12 10.53 -19.90 27.46
CA VAL I 12 10.17 -21.14 26.76
C VAL I 12 8.65 -21.35 26.78
N GLN I 13 7.99 -21.00 27.93
CA GLN I 13 6.55 -21.12 28.15
C GLN I 13 5.75 -20.11 27.29
N GLN I 14 6.03 -18.78 27.46
CA GLN I 14 5.38 -17.72 26.67
C GLN I 14 5.62 -17.96 25.18
N GLN I 15 6.67 -18.73 24.85
CA GLN I 15 6.88 -18.93 23.42
C GLN I 15 6.08 -20.12 22.90
N ASN I 16 6.01 -21.21 23.66
CA ASN I 16 5.10 -22.27 23.28
C ASN I 16 3.67 -21.76 23.15
N ASN I 17 3.21 -20.95 24.12
CA ASN I 17 1.87 -20.36 24.05
C ASN I 17 1.70 -19.50 22.80
N LEU I 18 2.72 -18.67 22.46
CA LEU I 18 2.62 -17.82 21.27
C LEU I 18 2.49 -18.66 20.00
N LEU I 19 3.21 -19.79 19.95
CA LEU I 19 3.10 -20.68 18.82
C LEU I 19 1.70 -21.26 18.69
N ARG I 20 1.12 -21.70 19.81
CA ARG I 20 -0.22 -22.28 19.77
C ARG I 20 -1.27 -21.23 19.41
N ALA I 21 -1.05 -19.98 19.83
CA ALA I 21 -1.95 -18.92 19.42
C ALA I 21 -1.93 -18.76 17.89
N ILE I 22 -0.75 -18.59 17.29
CA ILE I 22 -0.67 -18.41 15.83
C ILE I 22 -1.23 -19.62 15.08
N GLU I 23 -1.08 -20.83 15.65
CA GLU I 23 -1.72 -21.99 15.04
C GLU I 23 -3.25 -21.85 15.02
N ALA I 24 -3.85 -21.54 16.17
CA ALA I 24 -5.31 -21.37 16.22
C ALA I 24 -5.77 -20.25 15.29
N GLN I 25 -5.04 -19.12 15.31
CA GLN I 25 -5.31 -17.98 14.44
C GLN I 25 -5.26 -18.36 12.96
N GLN I 26 -4.30 -19.21 12.59
CA GLN I 26 -4.29 -19.75 11.24
C GLN I 26 -5.57 -20.54 10.96
N HIS I 27 -6.13 -21.21 11.96
CA HIS I 27 -7.42 -21.85 11.70
C HIS I 27 -8.52 -20.82 11.49
N LEU I 28 -8.60 -19.79 12.34
CA LEU I 28 -9.59 -18.72 12.12
C LEU I 28 -9.47 -18.15 10.72
N LEU I 29 -8.24 -17.87 10.28
CA LEU I 29 -8.03 -17.37 8.92
C LEU I 29 -8.58 -18.34 7.89
N GLN I 30 -8.26 -19.65 8.02
CA GLN I 30 -8.82 -20.69 7.12
C GLN I 30 -10.34 -20.58 7.05
N LEU I 31 -10.96 -20.18 8.17
CA LEU I 31 -12.42 -20.10 8.21
C LEU I 31 -12.95 -18.83 7.56
N THR I 32 -12.30 -17.69 7.79
CA THR I 32 -12.78 -16.48 7.14
C THR I 32 -12.57 -16.56 5.64
N VAL I 33 -11.45 -17.12 5.18
CA VAL I 33 -11.26 -17.41 3.77
C VAL I 33 -12.37 -18.30 3.23
N TRP I 34 -12.73 -19.35 3.98
CA TRP I 34 -13.82 -20.22 3.52
C TRP I 34 -15.13 -19.45 3.34
N GLY I 35 -15.54 -18.68 4.34
CA GLY I 35 -16.78 -17.92 4.22
C GLY I 35 -16.77 -16.95 3.06
N ILE I 36 -15.67 -16.20 2.91
CA ILE I 36 -15.51 -15.35 1.75
C ILE I 36 -15.74 -16.15 0.48
N LYS I 37 -15.16 -17.35 0.40
CA LYS I 37 -15.32 -18.15 -0.82
C LYS I 37 -16.77 -18.50 -1.07
N GLN I 38 -17.52 -18.87 -0.03
CA GLN I 38 -18.95 -19.15 -0.17
C GLN I 38 -19.72 -17.95 -0.70
N LEU I 39 -19.69 -16.86 0.07
CA LEU I 39 -20.29 -15.61 -0.38
C LEU I 39 -19.99 -15.33 -1.84
N GLN I 40 -18.70 -15.25 -2.17
CA GLN I 40 -18.30 -14.87 -3.53
C GLN I 40 -18.81 -15.86 -4.56
N ALA I 41 -18.93 -17.13 -4.21
CA ALA I 41 -19.43 -18.07 -5.20
C ALA I 41 -20.93 -17.96 -5.35
N ARG I 42 -21.61 -17.24 -4.43
CA ARG I 42 -23.04 -16.94 -4.54
C ARG I 42 -23.37 -15.49 -4.90
N ILE I 43 -22.35 -14.68 -5.18
CA ILE I 43 -22.49 -13.46 -5.98
C ILE I 43 -21.70 -13.49 -7.30
N LEU I 44 -20.68 -14.38 -7.47
CA LEU I 44 -19.78 -14.38 -8.67
C LEU I 44 -19.37 -15.82 -9.14
N GLU J 1 -19.88 -31.14 3.36
CA GLU J 1 -19.75 -29.67 3.31
C GLU J 1 -19.94 -28.97 4.69
N LEU J 2 -19.13 -27.97 4.99
CA LEU J 2 -19.28 -27.28 6.27
C LEU J 2 -20.54 -26.42 6.25
N THR J 3 -21.37 -26.52 7.30
CA THR J 3 -22.51 -25.60 7.37
C THR J 3 -22.05 -24.28 7.97
N TRP J 4 -22.88 -23.23 7.77
CA TRP J 4 -22.60 -21.91 8.36
C TRP J 4 -22.75 -21.92 9.89
N GLU J 5 -23.59 -22.80 10.45
CA GLU J 5 -23.76 -22.89 11.90
C GLU J 5 -22.51 -23.46 12.59
N GLU J 6 -21.99 -24.58 12.08
CA GLU J 6 -20.74 -25.10 12.62
C GLU J 6 -19.60 -24.11 12.43
N TRP J 7 -19.48 -23.50 11.25
CA TRP J 7 -18.53 -22.42 11.02
C TRP J 7 -18.59 -21.39 12.17
N GLU J 8 -19.78 -20.90 12.51
CA GLU J 8 -19.87 -19.94 13.61
C GLU J 8 -19.39 -20.57 14.91
N LYS J 9 -19.72 -21.85 15.14
CA LYS J 9 -19.28 -22.50 16.36
C LYS J 9 -17.76 -22.53 16.46
N LYS J 10 -17.11 -23.05 15.40
CA LYS J 10 -15.65 -23.18 15.34
C LYS J 10 -14.98 -21.84 15.61
N ILE J 11 -15.42 -20.79 14.91
CA ILE J 11 -14.86 -19.46 15.13
C ILE J 11 -14.95 -19.08 16.60
N GLU J 12 -16.09 -19.33 17.22
CA GLU J 12 -16.14 -18.97 18.63
C GLU J 12 -15.09 -19.75 19.39
N GLU J 13 -14.95 -21.03 19.04
CA GLU J 13 -14.04 -21.91 19.75
C GLU J 13 -12.62 -21.38 19.70
N TYR J 14 -12.06 -21.31 18.51
CA TYR J 14 -10.68 -20.85 18.43
C TYR J 14 -10.54 -19.47 19.07
N THR J 15 -11.52 -18.58 18.81
CA THR J 15 -11.38 -17.21 19.32
C THR J 15 -11.23 -17.24 20.82
N LYS J 16 -12.10 -17.99 21.48
CA LYS J 16 -12.00 -17.98 22.92
C LYS J 16 -10.72 -18.66 23.38
N LYS J 17 -10.22 -19.62 22.58
CA LYS J 17 -8.98 -20.31 22.91
C LYS J 17 -7.79 -19.35 22.95
N ILE J 18 -7.60 -18.57 21.87
CA ILE J 18 -6.60 -17.50 21.86
C ILE J 18 -6.85 -16.53 23.03
N GLU J 19 -8.12 -16.33 23.44
CA GLU J 19 -8.39 -15.37 24.52
C GLU J 19 -7.83 -15.84 25.84
N GLU J 20 -7.86 -17.14 26.03
CA GLU J 20 -7.42 -17.67 27.30
C GLU J 20 -5.91 -17.82 27.32
N ILE J 21 -5.34 -18.09 26.15
CA ILE J 21 -3.88 -18.05 26.01
C ILE J 21 -3.38 -16.67 26.44
N LEU J 22 -3.90 -15.60 25.77
CA LEU J 22 -3.35 -14.24 25.94
C LEU J 22 -3.53 -13.71 27.36
N LYS J 23 -4.32 -14.41 28.18
CA LYS J 23 -4.45 -14.23 29.62
C LYS J 23 -3.40 -15.06 30.36
N GLU K 1 -23.43 -4.03 17.28
CA GLU K 1 -23.74 -3.53 15.93
C GLU K 1 -23.00 -2.19 15.50
N LEU K 2 -23.02 -1.98 14.15
CA LEU K 2 -22.02 -1.22 13.40
C LEU K 2 -22.61 -0.66 12.13
N THR K 3 -21.98 0.40 11.63
CA THR K 3 -22.10 0.80 10.24
C THR K 3 -20.84 0.36 9.50
N TRP K 4 -21.00 0.23 8.15
CA TRP K 4 -19.87 -0.17 7.31
C TRP K 4 -18.77 0.89 7.30
N GLU K 5 -19.12 2.17 7.45
CA GLU K 5 -18.08 3.18 7.62
C GLU K 5 -17.31 2.90 8.89
N GLU K 6 -17.99 2.72 10.01
CA GLU K 6 -17.30 2.53 11.29
C GLU K 6 -16.45 1.24 11.28
N TRP K 7 -17.00 0.18 10.66
CA TRP K 7 -16.21 -1.02 10.42
C TRP K 7 -14.92 -0.67 9.68
N GLU K 8 -15.04 0.00 8.55
CA GLU K 8 -13.83 0.40 7.84
C GLU K 8 -12.89 1.17 8.74
N LYS K 9 -13.38 2.13 9.51
CA LYS K 9 -12.50 2.86 10.41
C LYS K 9 -11.77 1.87 11.34
N LYS K 10 -12.53 0.99 11.96
CA LYS K 10 -11.93 0.10 12.95
C LYS K 10 -10.88 -0.80 12.31
N ILE K 11 -11.17 -1.32 11.14
CA ILE K 11 -10.16 -2.06 10.40
C ILE K 11 -8.93 -1.20 10.20
N GLU K 12 -9.12 0.06 9.81
CA GLU K 12 -7.97 0.91 9.54
C GLU K 12 -7.16 1.17 10.79
N GLU K 13 -7.83 1.37 11.92
CA GLU K 13 -7.12 1.63 13.16
C GLU K 13 -6.32 0.39 13.57
N TYR K 14 -6.99 -0.76 13.65
CA TYR K 14 -6.23 -1.91 14.12
C TYR K 14 -5.10 -2.25 13.15
N THR K 15 -5.30 -2.03 11.85
CA THR K 15 -4.21 -2.28 10.89
C THR K 15 -3.03 -1.35 11.15
N LYS K 16 -3.28 -0.11 11.42
CA LYS K 16 -2.20 0.80 11.79
C LYS K 16 -1.53 0.35 13.10
N LYS K 17 -2.36 -0.10 14.03
CA LYS K 17 -1.87 -0.46 15.36
C LYS K 17 -0.89 -1.63 15.28
N ILE K 18 -1.33 -2.74 14.71
CA ILE K 18 -0.43 -3.86 14.38
C ILE K 18 0.76 -3.35 13.58
N GLU K 19 0.50 -2.52 12.57
CA GLU K 19 1.57 -2.11 11.66
C GLU K 19 2.63 -1.30 12.37
N GLU K 20 2.27 -0.70 13.47
CA GLU K 20 3.23 0.04 14.28
C GLU K 20 3.95 -0.89 15.28
N ILE K 21 3.23 -1.84 15.81
CA ILE K 21 3.85 -2.84 16.68
C ILE K 21 4.82 -3.72 15.91
N LEU K 22 4.64 -3.84 14.61
CA LEU K 22 5.49 -4.68 13.77
C LEU K 22 6.72 -4.00 13.15
N LYS K 23 6.65 -2.67 13.00
CA LYS K 23 7.67 -1.77 12.37
C LYS K 23 7.74 -2.01 10.86
N GLU L 1 -4.16 -3.39 -6.80
CA GLU L 1 -5.26 -4.12 -7.39
C GLU L 1 -5.06 -5.66 -7.64
N LEU L 2 -6.10 -6.47 -7.44
CA LEU L 2 -6.02 -7.91 -7.59
C LEU L 2 -7.18 -8.42 -8.43
N THR L 3 -6.97 -9.52 -9.16
CA THR L 3 -8.17 -10.31 -9.44
C THR L 3 -8.41 -11.25 -8.28
N TRP L 4 -9.58 -11.87 -8.29
CA TRP L 4 -9.79 -12.97 -7.37
C TRP L 4 -8.79 -14.11 -7.59
N GLU L 5 -8.46 -14.46 -8.83
CA GLU L 5 -7.43 -15.49 -9.04
C GLU L 5 -6.14 -15.09 -8.35
N GLU L 6 -5.74 -13.82 -8.51
CA GLU L 6 -4.53 -13.35 -7.83
C GLU L 6 -4.75 -13.38 -6.34
N TRP L 7 -5.94 -12.98 -5.93
CA TRP L 7 -6.31 -13.10 -4.53
C TRP L 7 -5.96 -14.49 -4.03
N GLU L 8 -6.51 -15.53 -4.66
CA GLU L 8 -6.32 -16.92 -4.24
C GLU L 8 -4.83 -17.31 -4.24
N LYS L 9 -4.10 -17.00 -5.33
CA LYS L 9 -2.69 -17.36 -5.33
C LYS L 9 -1.97 -16.74 -4.12
N LYS L 10 -2.27 -15.48 -3.77
CA LYS L 10 -1.58 -14.91 -2.60
C LYS L 10 -2.08 -15.48 -1.29
N ILE L 11 -3.33 -15.92 -1.20
CA ILE L 11 -3.69 -16.68 -0.01
C ILE L 11 -2.81 -17.92 0.10
N GLU L 12 -2.60 -18.60 -1.03
CA GLU L 12 -1.91 -19.89 -0.96
C GLU L 12 -0.43 -19.70 -0.61
N GLU L 13 0.21 -18.67 -1.16
CA GLU L 13 1.64 -18.42 -0.86
C GLU L 13 1.84 -18.10 0.60
N TYR L 14 1.01 -17.20 1.10
CA TYR L 14 1.19 -16.88 2.50
C TYR L 14 0.91 -18.09 3.39
N THR L 15 -0.03 -18.95 3.02
CA THR L 15 -0.27 -20.09 3.88
C THR L 15 0.91 -21.03 3.93
N LYS L 16 1.47 -21.36 2.79
CA LYS L 16 2.67 -22.20 2.83
C LYS L 16 3.78 -21.55 3.66
N LYS L 17 3.96 -20.21 3.61
CA LYS L 17 5.01 -19.56 4.42
C LYS L 17 4.75 -19.80 5.88
N ILE L 18 3.48 -19.75 6.25
CA ILE L 18 3.08 -19.90 7.64
C ILE L 18 3.18 -21.36 8.09
N GLU L 19 2.90 -22.32 7.18
CA GLU L 19 2.89 -23.75 7.53
C GLU L 19 4.27 -24.35 7.54
N GLU L 20 5.16 -23.82 6.69
CA GLU L 20 6.59 -24.09 6.81
C GLU L 20 7.11 -23.60 8.17
N ILE L 21 6.62 -22.43 8.66
CA ILE L 21 7.01 -21.99 10.01
C ILE L 21 6.41 -22.92 11.09
N LEU L 22 5.13 -23.36 10.95
CA LEU L 22 4.50 -24.23 11.97
C LEU L 22 5.01 -25.66 11.93
N LYS L 23 5.54 -26.15 10.81
CA LYS L 23 6.07 -27.51 10.83
C LYS L 23 7.53 -27.55 11.32
N SER M 9 -9.96 -26.86 -28.58
CA SER M 9 -10.58 -27.36 -29.82
C SER M 9 -11.49 -26.38 -30.68
N GLY M 10 -12.32 -25.29 -30.11
CA GLY M 10 -12.95 -24.39 -31.07
C GLY M 10 -12.27 -23.02 -31.08
N ILE M 11 -12.41 -22.27 -32.18
CA ILE M 11 -11.45 -21.20 -32.47
C ILE M 11 -11.59 -19.98 -31.54
N VAL M 12 -12.80 -19.69 -31.03
CA VAL M 12 -12.95 -18.65 -29.99
C VAL M 12 -12.08 -18.98 -28.77
N GLN M 13 -12.01 -20.32 -28.47
CA GLN M 13 -11.27 -20.76 -27.29
C GLN M 13 -9.74 -20.65 -27.46
N GLN M 14 -9.20 -21.40 -28.47
CA GLN M 14 -7.81 -21.36 -28.92
C GLN M 14 -7.37 -19.93 -29.22
N GLN M 15 -8.32 -18.95 -29.43
CA GLN M 15 -7.89 -17.58 -29.62
C GLN M 15 -7.79 -16.83 -28.30
N ASN M 16 -8.75 -17.04 -27.40
CA ASN M 16 -8.58 -16.50 -26.05
C ASN M 16 -7.28 -16.99 -25.42
N ASN M 17 -7.00 -18.30 -25.53
CA ASN M 17 -5.74 -18.84 -25.01
C ASN M 17 -4.53 -18.16 -25.64
N LEU M 18 -4.55 -17.97 -26.97
CA LEU M 18 -3.41 -17.32 -27.64
C LEU M 18 -3.19 -15.90 -27.14
N LEU M 19 -4.29 -15.19 -26.87
CA LEU M 19 -4.18 -13.85 -26.31
C LEU M 19 -3.54 -13.87 -24.94
N ARG M 20 -3.96 -14.81 -24.08
CA ARG M 20 -3.40 -14.88 -22.74
C ARG M 20 -1.93 -15.29 -22.76
N ALA M 21 -1.55 -16.13 -23.73
CA ALA M 21 -0.14 -16.46 -23.89
C ALA M 21 0.67 -15.21 -24.20
N ILE M 22 0.29 -14.45 -25.23
CA ILE M 22 1.04 -13.24 -25.60
C ILE M 22 1.09 -12.24 -24.48
N GLU M 23 0.09 -12.30 -23.65
CA GLU M 23 0.16 -11.35 -22.54
C GLU M 23 1.14 -11.80 -21.48
N ALA M 24 1.16 -13.05 -21.13
CA ALA M 24 2.19 -13.54 -20.21
C ALA M 24 3.59 -13.35 -20.79
N GLN M 25 3.76 -13.64 -22.08
CA GLN M 25 5.02 -13.46 -22.78
C GLN M 25 5.48 -12.01 -22.76
N GLN M 26 4.54 -11.06 -22.89
CA GLN M 26 4.88 -9.67 -22.69
C GLN M 26 5.41 -9.42 -21.27
N HIS M 27 4.90 -10.15 -20.28
CA HIS M 27 5.50 -9.99 -18.96
C HIS M 27 6.92 -10.55 -18.92
N LEU M 28 7.14 -11.75 -19.47
CA LEU M 28 8.52 -12.27 -19.53
C LEU M 28 9.45 -11.27 -20.20
N LEU M 29 9.03 -10.69 -21.32
CA LEU M 29 9.83 -9.67 -21.99
C LEU M 29 10.14 -8.51 -21.06
N GLN M 30 9.11 -8.02 -20.35
CA GLN M 30 9.47 -6.91 -19.47
C GLN M 30 10.46 -7.34 -18.41
N LEU M 31 10.51 -8.61 -18.06
CA LEU M 31 11.48 -9.05 -17.07
C LEU M 31 12.88 -9.18 -17.67
N THR M 32 13.00 -9.70 -18.89
CA THR M 32 14.32 -9.78 -19.47
C THR M 32 14.89 -8.38 -19.75
N VAL M 33 14.04 -7.45 -20.21
CA VAL M 33 14.44 -6.05 -20.33
C VAL M 33 14.92 -5.51 -18.98
N TRP M 34 14.18 -5.81 -17.92
CA TRP M 34 14.61 -5.33 -16.60
C TRP M 34 16.00 -5.84 -16.23
N GLY M 35 16.22 -7.16 -16.35
CA GLY M 35 17.53 -7.70 -16.01
C GLY M 35 18.65 -7.10 -16.84
N ILE M 36 18.45 -7.01 -18.15
CA ILE M 36 19.39 -6.32 -19.01
C ILE M 36 19.71 -4.94 -18.45
N LYS M 37 18.67 -4.21 -18.04
CA LYS M 37 18.91 -2.86 -17.52
C LYS M 37 19.78 -2.88 -16.28
N GLN M 38 19.55 -3.82 -15.36
CA GLN M 38 20.39 -3.94 -14.17
C GLN M 38 21.84 -4.21 -14.53
N LEU M 39 22.08 -5.33 -15.22
CA LEU M 39 23.41 -5.65 -15.70
C LEU M 39 24.08 -4.42 -16.29
N GLN M 40 23.46 -3.83 -17.31
CA GLN M 40 24.07 -2.71 -18.03
C GLN M 40 24.34 -1.54 -17.11
N ALA M 41 23.50 -1.32 -16.10
CA ALA M 41 23.77 -0.20 -15.22
C ALA M 41 24.90 -0.51 -14.26
N ARG M 42 25.31 -1.79 -14.16
CA ARG M 42 26.47 -2.21 -13.36
C ARG M 42 27.70 -2.60 -14.18
N ILE M 43 27.64 -2.44 -15.50
CA ILE M 43 28.82 -2.31 -16.35
C ILE M 43 28.92 -0.95 -17.06
N LEU M 44 27.83 -0.15 -17.18
CA LEU M 44 27.83 1.13 -17.97
C LEU M 44 26.96 2.25 -17.32
N GLU N 1 23.22 -0.18 -35.46
CA GLU N 1 23.91 0.57 -34.42
C GLU N 1 23.01 1.43 -33.53
N LEU N 2 23.30 1.46 -32.23
CA LEU N 2 22.44 2.18 -31.28
C LEU N 2 23.24 2.69 -30.10
N THR N 3 22.79 3.79 -29.56
CA THR N 3 23.20 4.03 -28.20
C THR N 3 22.23 3.29 -27.32
N TRP N 4 22.67 2.91 -26.12
CA TRP N 4 21.67 2.50 -25.16
C TRP N 4 20.49 3.47 -25.12
N GLU N 5 20.73 4.75 -25.29
CA GLU N 5 19.65 5.72 -25.31
C GLU N 5 18.59 5.38 -26.36
N GLU N 6 19.03 5.14 -27.61
CA GLU N 6 18.07 4.81 -28.64
C GLU N 6 17.37 3.51 -28.31
N TRP N 7 18.04 2.62 -27.59
CA TRP N 7 17.44 1.31 -27.34
C TRP N 7 16.30 1.42 -26.38
N GLU N 8 16.54 2.02 -25.22
CA GLU N 8 15.48 2.44 -24.30
C GLU N 8 14.30 3.04 -25.11
N LYS N 9 14.60 3.85 -26.14
CA LYS N 9 13.52 4.48 -26.89
C LYS N 9 12.77 3.49 -27.79
N LYS N 10 13.48 2.49 -28.33
CA LYS N 10 12.86 1.53 -29.23
C LYS N 10 12.06 0.45 -28.47
N ILE N 11 12.73 -0.33 -27.57
CA ILE N 11 11.91 -1.16 -26.68
C ILE N 11 10.68 -0.42 -26.29
N GLU N 12 10.86 0.85 -26.00
CA GLU N 12 9.70 1.67 -25.85
C GLU N 12 8.64 1.45 -26.92
N GLU N 13 8.90 2.06 -28.06
CA GLU N 13 7.82 2.24 -28.99
C GLU N 13 7.17 0.91 -29.34
N TYR N 14 7.92 -0.19 -29.14
CA TYR N 14 7.39 -1.50 -29.48
C TYR N 14 6.49 -2.07 -28.42
N THR N 15 6.95 -2.01 -27.12
CA THR N 15 6.02 -2.30 -26.02
C THR N 15 4.70 -1.71 -26.30
N LYS N 16 4.69 -0.62 -27.08
CA LYS N 16 3.54 0.23 -27.30
C LYS N 16 2.58 -0.16 -28.41
N LYS N 17 3.10 -0.28 -29.61
CA LYS N 17 2.33 -1.07 -30.53
C LYS N 17 1.69 -2.20 -29.75
N ILE N 18 2.50 -3.06 -29.09
CA ILE N 18 1.91 -4.22 -28.41
C ILE N 18 0.75 -3.80 -27.53
N GLU N 19 0.95 -2.73 -26.75
CA GLU N 19 -0.03 -2.41 -25.71
C GLU N 19 -1.33 -1.99 -26.32
N GLU N 20 -1.26 -1.42 -27.49
CA GLU N 20 -2.49 -0.96 -28.07
C GLU N 20 -3.12 -2.04 -28.92
N ILE N 21 -2.35 -3.04 -29.29
CA ILE N 21 -2.89 -4.12 -30.10
C ILE N 21 -3.60 -5.10 -29.20
N LEU N 22 -2.94 -5.46 -28.11
CA LEU N 22 -3.60 -6.27 -27.12
C LEU N 22 -4.87 -5.58 -26.67
N LYS N 23 -4.77 -4.27 -26.39
CA LYS N 23 -5.77 -3.32 -25.84
C LYS N 23 -5.41 -2.90 -24.43
#